data_8JCL
#
_entry.id   8JCL
#
_cell.length_a   97.559
_cell.length_b   81.453
_cell.length_c   51.674
_cell.angle_alpha   90.00
_cell.angle_beta   114.64
_cell.angle_gamma   90.00
#
_symmetry.space_group_name_H-M   'C 1 2 1'
#
loop_
_entity.id
_entity.type
_entity.pdbx_description
1 polymer '3C-like proteinase nsp5'
2 non-polymer 3-ethanoyl-N-phenyl-benzamide
3 non-polymer 'HYDROSULFURIC ACID'
4 water water
#
_entity_poly.entity_id   1
_entity_poly.type   'polypeptide(L)'
_entity_poly.pdbx_seq_one_letter_code
;SGFRKMAFPSGKVEGCMVQVTCGTTTLNGLWLDDVVYCPRHVICTSEDMLNPNYEDLLIRKSNHNFLVQAGNVQLRVIGH
SMQNCVLKLKVDTANPKTPKYKFVRIQPGQTFSVLACYNGSPSGVYQCAMRPNFTIKGSFLNGSCGSVGFNIDYDCVSFC
YMHHMELPTGVHAGTDLEGNFYGPFVDRQTAQAAGTDTTITVNVLAWLYAAVINGDRWFLNRFTTTLNDFNLVAMKYNYE
PLTQDHVDILGPLSAQTGIAVLDMCASLKELLQNGMNGRTILGSALLEDEFTPFDVVRQCSGVTFQ
;
_entity_poly.pdbx_strand_id   A
#
loop_
_chem_comp.id
_chem_comp.type
_chem_comp.name
_chem_comp.formula
AIE non-polymer 3-ethanoyl-N-phenyl-benzamide 'C15 H13 N O2'
H2S non-polymer 'HYDROSULFURIC ACID' 'H2 S'
#
# COMPACT_ATOMS: atom_id res chain seq x y z
N SER A 1 6.74 16.04 -19.28
CA SER A 1 5.38 15.59 -19.28
C SER A 1 5.22 14.06 -19.34
N GLY A 2 3.98 13.58 -19.45
CA GLY A 2 3.69 12.18 -19.18
C GLY A 2 3.24 11.95 -17.76
N PHE A 3 2.57 10.82 -17.56
CA PHE A 3 2.06 10.48 -16.22
C PHE A 3 2.02 8.99 -16.09
N ARG A 4 2.77 8.45 -15.13
CA ARG A 4 2.93 7.02 -15.01
C ARG A 4 2.68 6.64 -13.56
N LYS A 5 2.33 5.38 -13.32
CA LYS A 5 2.30 4.89 -11.95
C LYS A 5 3.76 4.73 -11.56
N MET A 6 4.27 5.66 -10.78
CA MET A 6 5.67 5.74 -10.40
C MET A 6 5.90 5.32 -8.97
N ALA A 7 6.83 4.39 -8.78
CA ALA A 7 7.20 3.99 -7.42
C ALA A 7 8.42 4.78 -6.96
N PHE A 8 8.66 4.76 -5.65
CA PHE A 8 9.92 5.30 -5.16
C PHE A 8 11.08 4.38 -5.53
N PRO A 9 12.27 4.96 -5.71
CA PRO A 9 13.48 4.13 -5.94
C PRO A 9 13.61 3.19 -4.76
N SER A 10 13.90 1.93 -5.05
CA SER A 10 13.73 0.89 -4.02
C SER A 10 15.01 0.50 -3.33
N GLY A 11 16.17 1.07 -3.74
CA GLY A 11 17.45 0.61 -3.21
C GLY A 11 17.53 0.59 -1.70
N LYS A 12 17.02 1.66 -1.06
CA LYS A 12 17.14 1.74 0.41
C LYS A 12 16.40 0.61 1.05
N VAL A 13 15.34 0.13 0.40
CA VAL A 13 14.58 -1.00 0.98
C VAL A 13 15.22 -2.32 0.59
N GLU A 14 15.75 -2.40 -0.63
CA GLU A 14 16.44 -3.62 -1.03
C GLU A 14 17.48 -4.02 -0.02
N GLY A 15 18.24 -3.05 0.48
CA GLY A 15 19.31 -3.45 1.38
C GLY A 15 18.84 -3.86 2.76
N CYS A 16 17.54 -3.88 2.97
CA CYS A 16 16.97 -4.37 4.22
C CYS A 16 16.29 -5.72 4.12
N MET A 17 16.19 -6.31 2.93
CA MET A 17 15.40 -7.51 2.78
C MET A 17 16.25 -8.72 3.08
N VAL A 18 15.68 -9.65 3.86
CA VAL A 18 16.33 -10.91 4.23
C VAL A 18 15.31 -12.04 4.10
N GLN A 19 15.81 -13.27 4.24
CA GLN A 19 14.99 -14.46 4.20
C GLN A 19 14.88 -15.00 5.62
N VAL A 20 13.67 -15.38 6.04
CA VAL A 20 13.45 -15.98 7.36
C VAL A 20 12.83 -17.35 7.15
N THR A 21 13.42 -18.37 7.78
CA THR A 21 12.91 -19.73 7.66
C THR A 21 12.68 -20.27 9.05
N CYS A 22 11.50 -20.83 9.28
CA CYS A 22 11.19 -21.56 10.50
C CYS A 22 10.57 -22.88 10.07
N GLY A 23 11.22 -23.99 10.45
CA GLY A 23 10.73 -25.28 10.00
C GLY A 23 10.79 -25.34 8.48
N THR A 24 9.67 -25.64 7.83
CA THR A 24 9.64 -25.69 6.38
C THR A 24 9.02 -24.44 5.77
N THR A 25 8.80 -23.40 6.56
CA THR A 25 8.18 -22.18 6.07
C THR A 25 9.28 -21.13 5.85
N THR A 26 9.39 -20.71 4.64
CA THR A 26 10.29 -19.59 4.29
CA THR A 26 10.31 -19.60 4.27
C THR A 26 9.49 -18.29 3.71
N LEU A 27 9.86 -17.17 4.26
CA LEU A 27 9.25 -15.89 3.88
C LEU A 27 10.25 -14.77 4.02
N ASN A 28 9.82 -13.55 3.71
CA ASN A 28 10.72 -12.42 3.81
C ASN A 28 10.70 -11.69 5.11
N GLY A 29 11.83 -11.08 5.45
CA GLY A 29 11.91 -10.27 6.64
C GLY A 29 12.59 -8.95 6.32
N LEU A 30 12.39 -7.99 7.21
CA LEU A 30 12.89 -6.61 7.06
C LEU A 30 13.91 -6.37 8.16
N TRP A 31 15.15 -6.14 7.79
CA TRP A 31 16.26 -6.06 8.73
C TRP A 31 16.64 -4.60 8.92
N LEU A 32 16.37 -4.07 10.10
CA LEU A 32 16.64 -2.68 10.43
C LEU A 32 17.34 -2.67 11.75
N ASP A 33 18.52 -2.07 11.79
CA ASP A 33 19.37 -2.07 12.96
C ASP A 33 19.62 -3.52 13.32
N ASP A 34 19.43 -3.91 14.56
CA ASP A 34 19.65 -5.31 14.87
C ASP A 34 18.39 -6.14 15.05
N VAL A 35 17.32 -5.78 14.36
CA VAL A 35 16.05 -6.49 14.44
C VAL A 35 15.60 -6.89 13.05
N VAL A 36 15.03 -8.09 12.93
CA VAL A 36 14.39 -8.55 11.71
C VAL A 36 12.90 -8.69 12.00
N TYR A 37 12.09 -8.01 11.19
CA TYR A 37 10.62 -8.03 11.33
C TYR A 37 10.04 -8.96 10.28
N CYS A 38 9.09 -9.81 10.68
CA CYS A 38 8.47 -10.67 9.67
C CYS A 38 7.09 -11.08 10.14
N PRO A 39 6.24 -11.64 9.26
CA PRO A 39 4.91 -12.07 9.72
C PRO A 39 5.03 -13.20 10.73
N ARG A 40 4.24 -13.12 11.81
CA ARG A 40 4.32 -14.21 12.78
C ARG A 40 3.85 -15.55 12.22
N HIS A 41 3.07 -15.55 11.13
CA HIS A 41 2.66 -16.80 10.49
C HIS A 41 3.85 -17.70 10.18
N VAL A 42 5.07 -17.18 10.16
CA VAL A 42 6.22 -18.02 9.88
C VAL A 42 6.36 -19.16 10.87
N ILE A 43 5.79 -19.05 12.08
CA ILE A 43 5.95 -20.14 13.04
C ILE A 43 4.83 -21.16 12.95
N CYS A 44 3.93 -21.02 12.00
CA CYS A 44 2.81 -21.94 11.89
C CYS A 44 3.11 -23.10 10.96
N THR A 45 2.49 -24.24 11.27
CA THR A 45 2.30 -25.30 10.28
C THR A 45 0.96 -25.11 9.58
N SER A 46 0.77 -25.84 8.48
CA SER A 46 -0.51 -25.77 7.76
C SER A 46 -1.67 -26.14 8.70
N GLU A 47 -1.47 -27.16 9.54
CA GLU A 47 -2.51 -27.56 10.49
C GLU A 47 -2.70 -26.52 11.58
N ASP A 48 -1.66 -25.74 11.89
CA ASP A 48 -1.76 -24.72 12.93
C ASP A 48 -2.72 -23.59 12.57
N MET A 49 -3.07 -23.42 11.29
CA MET A 49 -3.73 -22.19 10.84
C MET A 49 -5.24 -22.15 11.09
N LEU A 50 -5.82 -23.14 11.74
CA LEU A 50 -7.22 -23.00 12.15
C LEU A 50 -7.14 -22.75 13.65
N ASN A 51 -7.50 -21.56 14.06
CA ASN A 51 -7.43 -21.18 15.46
C ASN A 51 -6.09 -21.39 16.17
N PRO A 52 -5.02 -20.92 15.55
CA PRO A 52 -3.73 -21.02 16.20
C PRO A 52 -3.64 -20.14 17.39
N ASN A 53 -3.00 -20.60 18.43
CA ASN A 53 -2.67 -19.72 19.53
C ASN A 53 -1.20 -19.40 19.34
N TYR A 54 -0.94 -18.20 18.79
CA TYR A 54 0.45 -17.83 18.52
C TYR A 54 1.31 -17.73 19.78
N GLU A 55 0.74 -17.36 20.92
CA GLU A 55 1.54 -17.33 22.14
C GLU A 55 2.07 -18.71 22.50
N ASP A 56 1.22 -19.73 22.34
CA ASP A 56 1.66 -21.11 22.56
C ASP A 56 2.69 -21.54 21.52
N LEU A 57 2.44 -21.21 20.26
CA LEU A 57 3.36 -21.65 19.24
C LEU A 57 4.73 -21.03 19.48
N LEU A 58 4.76 -19.77 19.91
CA LEU A 58 6.05 -19.08 20.04
C LEU A 58 6.80 -19.54 21.27
N ILE A 59 6.09 -19.79 22.36
CA ILE A 59 6.81 -20.25 23.54
CA ILE A 59 6.73 -20.30 23.58
C ILE A 59 7.49 -21.60 23.29
N ARG A 60 7.05 -22.35 22.30
CA ARG A 60 7.67 -23.63 21.98
C ARG A 60 8.84 -23.49 21.03
N LYS A 61 9.20 -22.28 20.64
CA LYS A 61 10.32 -22.04 19.75
C LYS A 61 11.51 -21.53 20.56
N SER A 62 12.73 -21.69 20.02
CA SER A 62 13.91 -21.00 20.54
C SER A 62 14.59 -20.27 19.39
N ASN A 63 15.62 -19.48 19.73
CA ASN A 63 16.33 -18.70 18.70
C ASN A 63 16.81 -19.59 17.57
N HIS A 64 17.31 -20.79 17.90
CA HIS A 64 17.91 -21.63 16.87
C HIS A 64 16.88 -22.18 15.89
N ASN A 65 15.60 -22.02 16.16
CA ASN A 65 14.58 -22.44 15.21
C ASN A 65 14.39 -21.46 14.08
N PHE A 66 14.98 -20.26 14.16
CA PHE A 66 14.85 -19.22 13.13
C PHE A 66 16.15 -19.10 12.35
N LEU A 67 16.06 -19.33 11.05
CA LEU A 67 17.18 -19.23 10.14
C LEU A 67 17.01 -17.91 9.39
N VAL A 68 17.93 -16.96 9.58
CA VAL A 68 17.85 -15.66 8.89
C VAL A 68 19.03 -15.58 7.94
N GLN A 69 18.75 -15.37 6.65
CA GLN A 69 19.81 -15.23 5.65
C GLN A 69 19.71 -13.89 4.97
N ALA A 70 20.81 -13.13 5.04
CA ALA A 70 20.93 -11.83 4.37
C ALA A 70 21.85 -12.07 3.19
N GLY A 71 21.26 -12.24 2.00
CA GLY A 71 22.01 -12.67 0.84
C GLY A 71 22.75 -13.94 1.17
N ASN A 72 24.07 -13.86 1.20
CA ASN A 72 24.89 -15.04 1.44
C ASN A 72 25.17 -15.30 2.91
N VAL A 73 24.92 -14.33 3.79
CA VAL A 73 25.42 -14.35 5.15
C VAL A 73 24.32 -14.81 6.10
N GLN A 74 24.66 -15.74 6.97
CA GLN A 74 23.73 -16.19 8.00
C GLN A 74 23.75 -15.17 9.14
N LEU A 75 22.58 -14.74 9.60
CA LEU A 75 22.50 -13.82 10.72
C LEU A 75 22.10 -14.61 11.95
N ARG A 76 22.89 -14.51 13.01
CA ARG A 76 22.61 -15.27 14.22
C ARG A 76 21.49 -14.59 15.02
N VAL A 77 20.40 -15.32 15.24
CA VAL A 77 19.26 -14.84 16.04
C VAL A 77 19.60 -15.00 17.51
N ILE A 78 19.49 -13.89 18.26
CA ILE A 78 19.80 -13.88 19.68
C ILE A 78 18.62 -13.48 20.54
N GLY A 79 17.47 -13.21 19.93
CA GLY A 79 16.27 -13.02 20.72
C GLY A 79 15.07 -13.06 19.81
N HIS A 80 13.92 -13.37 20.37
CA HIS A 80 12.69 -13.39 19.58
C HIS A 80 11.54 -12.90 20.43
N SER A 81 10.61 -12.20 19.79
CA SER A 81 9.40 -11.77 20.51
C SER A 81 8.29 -11.52 19.51
N MET A 82 7.05 -11.49 19.99
CA MET A 82 5.89 -11.15 19.18
C MET A 82 5.46 -9.73 19.46
N GLN A 83 5.02 -9.05 18.41
CA GLN A 83 4.41 -7.77 18.56
C GLN A 83 3.21 -7.79 17.64
N ASN A 84 2.04 -8.01 18.20
CA ASN A 84 0.82 -8.13 17.45
C ASN A 84 1.03 -9.23 16.41
N CYS A 85 0.81 -8.95 15.15
CA CYS A 85 0.99 -9.96 14.14
C CYS A 85 2.37 -10.06 13.50
N VAL A 86 3.36 -9.39 14.04
CA VAL A 86 4.68 -9.55 13.52
C VAL A 86 5.60 -10.13 14.57
N LEU A 87 6.68 -10.70 14.08
CA LEU A 87 7.68 -11.26 14.94
C LEU A 87 8.87 -10.36 14.88
N LYS A 88 9.55 -10.16 15.98
CA LYS A 88 10.74 -9.38 16.03
C LYS A 88 11.89 -10.32 16.40
N LEU A 89 12.82 -10.53 15.49
CA LEU A 89 13.96 -11.41 15.72
C LEU A 89 15.18 -10.52 15.93
N LYS A 90 15.71 -10.53 17.15
CA LYS A 90 16.88 -9.75 17.43
C LYS A 90 18.06 -10.53 16.89
N VAL A 91 18.93 -9.85 16.18
CA VAL A 91 20.07 -10.50 15.61
C VAL A 91 21.38 -9.92 16.11
N ASP A 92 22.42 -10.67 15.82
CA ASP A 92 23.81 -10.46 16.16
C ASP A 92 24.40 -9.20 15.65
N THR A 93 23.97 -8.86 14.45
CA THR A 93 24.52 -7.77 13.71
C THR A 93 23.51 -6.73 13.30
N ALA A 94 23.91 -5.47 13.41
CA ALA A 94 23.10 -4.38 12.97
C ALA A 94 23.30 -4.26 11.48
N ASN A 95 22.23 -4.06 10.75
CA ASN A 95 22.27 -3.93 9.29
C ASN A 95 23.06 -2.67 8.94
N PRO A 96 24.22 -2.81 8.30
CA PRO A 96 25.00 -1.62 7.94
C PRO A 96 24.31 -0.76 6.88
N LYS A 97 23.31 -1.29 6.21
CA LYS A 97 22.60 -0.55 5.20
C LYS A 97 21.29 0.04 5.74
N THR A 98 21.10 0.05 7.06
CA THR A 98 19.83 0.59 7.58
C THR A 98 19.67 2.04 7.15
N PRO A 99 18.59 2.40 6.47
CA PRO A 99 18.33 3.81 6.15
C PRO A 99 17.76 4.51 7.35
N LYS A 100 17.72 5.85 7.29
CA LYS A 100 16.82 6.55 8.20
C LYS A 100 15.43 6.04 7.94
N TYR A 101 14.67 5.74 9.00
CA TYR A 101 13.35 5.17 8.77
C TYR A 101 12.38 5.55 9.87
N LYS A 102 11.09 5.34 9.52
CA LYS A 102 9.95 5.48 10.44
C LYS A 102 8.97 4.37 10.16
N PHE A 103 8.19 3.98 11.19
CA PHE A 103 7.04 3.10 10.99
C PHE A 103 5.82 3.99 11.10
N VAL A 104 5.11 4.16 9.98
CA VAL A 104 3.94 5.00 9.93
CA VAL A 104 3.95 5.02 9.87
C VAL A 104 2.77 4.13 9.49
N ARG A 105 1.59 4.42 10.00
CA ARG A 105 0.41 3.75 9.50
C ARG A 105 -0.29 4.71 8.55
N ILE A 106 -0.67 4.21 7.39
CA ILE A 106 -1.32 5.07 6.40
C ILE A 106 -2.82 4.97 6.49
N GLN A 107 -3.48 5.92 5.88
CA GLN A 107 -4.91 6.01 5.71
C GLN A 107 -5.38 5.38 4.41
N PRO A 108 -6.59 4.86 4.40
CA PRO A 108 -7.20 4.50 3.12
C PRO A 108 -7.18 5.71 2.22
N GLY A 109 -6.92 5.46 0.95
CA GLY A 109 -6.79 6.51 -0.04
C GLY A 109 -5.39 6.98 -0.27
N GLN A 110 -4.45 6.63 0.62
CA GLN A 110 -3.03 6.96 0.49
CA GLN A 110 -3.05 6.98 0.43
C GLN A 110 -2.30 5.89 -0.35
N THR A 111 -1.21 6.31 -1.00
CA THR A 111 -0.49 5.39 -1.85
C THR A 111 0.88 5.09 -1.24
N PHE A 112 1.51 4.04 -1.77
CA PHE A 112 2.83 3.62 -1.32
C PHE A 112 3.43 2.68 -2.36
N SER A 113 4.75 2.55 -2.31
CA SER A 113 5.47 1.60 -3.15
C SER A 113 5.62 0.28 -2.46
N VAL A 114 5.57 -0.79 -3.23
CA VAL A 114 5.69 -2.16 -2.74
C VAL A 114 6.92 -2.76 -3.40
N LEU A 115 7.82 -3.31 -2.59
CA LEU A 115 8.96 -4.06 -3.12
C LEU A 115 8.64 -5.54 -2.97
N ALA A 116 8.14 -6.14 -4.03
CA ALA A 116 7.83 -7.55 -4.00
C ALA A 116 9.13 -8.35 -3.95
N CYS A 117 9.16 -9.32 -3.02
CA CYS A 117 10.35 -10.10 -2.74
CA CYS A 117 10.35 -10.08 -2.69
C CYS A 117 9.97 -11.55 -2.57
N TYR A 118 10.90 -12.42 -2.92
CA TYR A 118 10.78 -13.88 -2.76
C TYR A 118 12.10 -14.41 -2.22
N ASN A 119 12.03 -15.21 -1.16
CA ASN A 119 13.25 -15.81 -0.57
C ASN A 119 14.29 -14.75 -0.21
N GLY A 120 13.81 -13.59 0.23
CA GLY A 120 14.66 -12.50 0.63
C GLY A 120 15.23 -11.70 -0.53
N SER A 121 14.88 -12.06 -1.79
CA SER A 121 15.43 -11.40 -2.97
CA SER A 121 15.44 -11.39 -2.97
C SER A 121 14.40 -10.49 -3.63
N PRO A 122 14.67 -9.19 -3.77
CA PRO A 122 13.70 -8.31 -4.42
C PRO A 122 13.46 -8.67 -5.86
N SER A 123 12.18 -8.65 -6.26
CA SER A 123 11.85 -9.03 -7.61
CA SER A 123 11.74 -9.06 -7.59
C SER A 123 11.22 -7.92 -8.43
N GLY A 124 10.46 -7.03 -7.82
CA GLY A 124 9.85 -5.94 -8.58
CA GLY A 124 9.86 -5.93 -8.58
C GLY A 124 9.33 -4.87 -7.66
N VAL A 125 9.11 -3.69 -8.22
CA VAL A 125 8.62 -2.55 -7.46
C VAL A 125 7.43 -1.95 -8.19
N TYR A 126 6.38 -1.65 -7.44
CA TYR A 126 5.19 -1.02 -8.04
C TYR A 126 4.46 -0.18 -7.01
N GLN A 127 3.57 0.66 -7.50
CA GLN A 127 2.83 1.55 -6.69
C GLN A 127 1.43 0.98 -6.40
N CYS A 128 0.94 1.13 -5.18
CA CYS A 128 -0.33 0.61 -4.71
C CYS A 128 -1.02 1.71 -3.91
N ALA A 129 -2.33 1.60 -3.74
CA ALA A 129 -3.06 2.49 -2.86
C ALA A 129 -3.76 1.63 -1.81
N MET A 130 -3.88 2.16 -0.62
CA MET A 130 -4.68 1.47 0.42
C MET A 130 -6.14 1.75 0.05
N ARG A 131 -6.94 0.69 -0.24
CA ARG A 131 -8.33 0.94 -0.64
C ARG A 131 -9.16 1.37 0.58
N PRO A 132 -10.30 2.05 0.36
CA PRO A 132 -11.23 2.36 1.45
C PRO A 132 -11.57 1.16 2.29
N ASN A 133 -11.61 -0.05 1.69
CA ASN A 133 -11.92 -1.24 2.49
C ASN A 133 -10.69 -1.91 3.08
N PHE A 134 -9.57 -1.20 3.11
CA PHE A 134 -8.32 -1.64 3.75
C PHE A 134 -7.70 -2.86 3.10
N THR A 135 -8.02 -3.13 1.84
CA THR A 135 -7.22 -4.09 1.08
C THR A 135 -6.34 -3.30 0.15
N ILE A 136 -5.40 -4.02 -0.42
CA ILE A 136 -4.60 -3.43 -1.51
C ILE A 136 -4.69 -4.35 -2.71
N LYS A 137 -4.67 -3.75 -3.91
CA LYS A 137 -4.69 -4.55 -5.12
C LYS A 137 -3.24 -4.70 -5.56
N GLY A 138 -2.57 -5.69 -4.98
CA GLY A 138 -1.17 -5.88 -5.23
C GLY A 138 -0.92 -6.88 -6.31
N SER A 139 0.34 -7.25 -6.41
CA SER A 139 0.75 -8.35 -7.28
C SER A 139 1.70 -9.18 -6.45
N PHE A 140 1.22 -10.33 -5.97
CA PHE A 140 1.97 -11.14 -5.03
C PHE A 140 1.74 -12.59 -5.37
N LEU A 141 2.79 -13.40 -5.28
CA LEU A 141 2.73 -14.83 -5.46
C LEU A 141 3.08 -15.49 -4.14
N ASN A 142 2.92 -16.80 -4.07
CA ASN A 142 3.38 -17.52 -2.89
C ASN A 142 4.83 -17.19 -2.57
N GLY A 143 5.12 -16.99 -1.30
CA GLY A 143 6.46 -16.66 -0.89
C GLY A 143 6.69 -15.17 -0.76
N SER A 144 5.71 -14.37 -1.08
CA SER A 144 5.86 -12.94 -1.03
C SER A 144 5.58 -12.32 0.31
N CYS A 145 5.01 -13.06 1.24
CA CYS A 145 4.76 -12.43 2.52
C CYS A 145 6.03 -11.97 3.22
N GLY A 146 5.92 -10.85 3.87
CA GLY A 146 7.08 -10.27 4.47
C GLY A 146 7.53 -9.15 3.58
N SER A 147 7.05 -9.08 2.34
CA SER A 147 7.39 -7.93 1.48
C SER A 147 6.76 -6.68 2.08
N VAL A 148 7.41 -5.53 1.89
CA VAL A 148 6.94 -4.31 2.53
C VAL A 148 6.54 -3.22 1.55
N GLY A 149 5.69 -2.33 2.06
CA GLY A 149 5.27 -1.11 1.37
C GLY A 149 5.82 0.09 2.12
N PHE A 150 6.09 1.17 1.37
CA PHE A 150 6.84 2.28 1.95
C PHE A 150 6.67 3.52 1.09
N ASN A 151 6.99 4.66 1.71
CA ASN A 151 7.17 5.93 0.99
C ASN A 151 8.52 6.46 1.39
N ILE A 152 9.10 7.31 0.55
CA ILE A 152 10.37 7.92 0.90
C ILE A 152 10.22 9.43 0.83
N ASP A 153 10.67 10.12 1.86
CA ASP A 153 10.65 11.59 1.91
C ASP A 153 12.06 11.98 2.31
N TYR A 154 12.72 12.73 1.43
CA TYR A 154 14.09 13.09 1.61
C TYR A 154 14.85 11.80 1.69
N ASP A 155 15.50 11.51 2.78
CA ASP A 155 16.25 10.28 2.79
C ASP A 155 15.67 9.28 3.76
N CYS A 156 14.45 9.53 4.19
CA CYS A 156 13.80 8.76 5.25
C CYS A 156 12.75 7.82 4.66
N VAL A 157 12.90 6.54 4.96
CA VAL A 157 11.92 5.55 4.51
C VAL A 157 10.84 5.41 5.56
N SER A 158 9.60 5.73 5.20
CA SER A 158 8.46 5.51 6.08
C SER A 158 7.81 4.20 5.65
N PHE A 159 8.06 3.13 6.43
CA PHE A 159 7.44 1.85 6.15
C PHE A 159 6.01 1.86 6.63
N CYS A 160 5.10 1.43 5.78
CA CYS A 160 3.69 1.47 6.15
C CYS A 160 2.98 0.13 6.02
N TYR A 161 3.58 -0.88 5.41
CA TYR A 161 2.84 -2.11 5.10
C TYR A 161 3.79 -3.30 5.09
N MET A 162 3.35 -4.37 5.74
CA MET A 162 3.96 -5.68 5.55
C MET A 162 2.91 -6.65 5.04
N HIS A 163 3.24 -7.36 3.99
CA HIS A 163 2.31 -8.27 3.38
C HIS A 163 2.13 -9.60 4.12
N HIS A 164 0.87 -9.98 4.34
CA HIS A 164 0.53 -11.22 4.98
C HIS A 164 -0.24 -12.21 4.15
N MET A 165 -1.28 -11.80 3.45
CA MET A 165 -2.09 -12.76 2.74
C MET A 165 -2.91 -12.27 1.58
N GLU A 166 -3.47 -13.23 0.86
CA GLU A 166 -4.33 -12.96 -0.26
C GLU A 166 -5.73 -13.38 0.08
N LEU A 167 -6.68 -12.50 -0.17
CA LEU A 167 -8.09 -12.77 0.08
C LEU A 167 -8.73 -13.48 -1.10
N PRO A 168 -9.94 -13.99 -0.94
CA PRO A 168 -10.50 -14.81 -2.04
C PRO A 168 -10.73 -14.06 -3.35
N THR A 169 -10.91 -12.74 -3.35
CA THR A 169 -11.05 -11.99 -4.58
C THR A 169 -9.71 -11.69 -5.23
N GLY A 170 -8.62 -12.16 -4.65
CA GLY A 170 -7.31 -11.89 -5.23
C GLY A 170 -6.67 -10.60 -4.79
N VAL A 171 -7.32 -9.84 -3.90
CA VAL A 171 -6.73 -8.65 -3.31
C VAL A 171 -6.00 -9.07 -2.04
N HIS A 172 -5.28 -8.14 -1.43
CA HIS A 172 -4.24 -8.46 -0.46
C HIS A 172 -4.46 -7.73 0.84
N ALA A 173 -4.04 -8.38 1.92
CA ALA A 173 -4.16 -7.79 3.24
C ALA A 173 -2.87 -7.95 4.01
N GLY A 174 -2.63 -6.97 4.88
CA GLY A 174 -1.46 -7.06 5.73
C GLY A 174 -1.52 -6.07 6.84
N THR A 175 -0.40 -5.84 7.46
CA THR A 175 -0.35 -5.01 8.60
C THR A 175 0.53 -3.83 8.42
N ASP A 176 0.55 -3.02 9.47
CA ASP A 176 1.53 -1.97 9.62
C ASP A 176 2.80 -2.62 10.25
N LEU A 177 3.87 -1.87 10.36
CA LEU A 177 5.08 -2.44 10.90
C LEU A 177 5.04 -2.71 12.38
N GLU A 178 4.00 -2.27 13.05
CA GLU A 178 3.76 -2.67 14.41
C GLU A 178 2.95 -3.95 14.48
N GLY A 179 2.62 -4.56 13.35
CA GLY A 179 1.91 -5.83 13.34
C GLY A 179 0.42 -5.71 13.46
N ASN A 180 -0.14 -4.50 13.30
CA ASN A 180 -1.58 -4.33 13.41
C ASN A 180 -2.19 -4.35 12.03
N PHE A 181 -3.13 -5.26 11.79
CA PHE A 181 -3.74 -5.36 10.47
C PHE A 181 -4.42 -4.08 10.03
N TYR A 182 -4.31 -3.83 8.74
CA TYR A 182 -5.22 -2.90 8.07
C TYR A 182 -6.52 -3.60 7.80
N GLY A 183 -7.61 -3.07 8.37
CA GLY A 183 -8.94 -3.65 8.16
C GLY A 183 -9.20 -4.87 9.00
N PRO A 184 -10.36 -5.47 8.79
CA PRO A 184 -10.90 -6.49 9.72
C PRO A 184 -10.46 -7.88 9.29
N PHE A 185 -9.15 -8.06 9.17
CA PHE A 185 -8.57 -9.32 8.68
C PHE A 185 -7.70 -9.90 9.78
N VAL A 186 -7.54 -11.20 9.77
CA VAL A 186 -6.78 -11.91 10.78
C VAL A 186 -5.86 -12.93 10.15
N ASP A 187 -4.77 -13.26 10.83
CA ASP A 187 -3.81 -14.24 10.35
C ASP A 187 -4.05 -15.67 10.83
N ARG A 188 -5.24 -16.06 10.49
CA ARG A 188 -5.80 -17.41 10.70
CA ARG A 188 -5.81 -17.41 10.71
C ARG A 188 -6.90 -17.79 9.57
N GLN A 189 -7.15 -19.08 9.49
CA GLN A 189 -8.01 -19.53 8.42
C GLN A 189 -9.45 -19.26 8.71
N THR A 190 -10.07 -18.39 7.94
CA THR A 190 -11.48 -18.08 8.09
C THR A 190 -12.03 -17.79 6.71
N ALA A 191 -13.31 -17.52 6.67
CA ALA A 191 -13.93 -17.19 5.42
C ALA A 191 -13.91 -15.71 5.20
N GLN A 192 -12.97 -15.00 5.82
CA GLN A 192 -12.86 -13.56 5.70
C GLN A 192 -12.75 -13.12 4.25
N ALA A 193 -13.37 -11.98 3.97
CA ALA A 193 -13.46 -11.51 2.58
C ALA A 193 -13.39 -9.99 2.59
N ALA A 194 -12.94 -9.42 1.48
CA ALA A 194 -12.94 -7.97 1.36
C ALA A 194 -14.36 -7.44 1.49
N GLY A 195 -14.53 -6.35 2.22
CA GLY A 195 -15.83 -5.74 2.33
C GLY A 195 -16.08 -4.89 1.09
N THR A 196 -17.25 -4.27 1.04
CA THR A 196 -17.55 -3.39 -0.09
CA THR A 196 -17.55 -3.39 -0.09
C THR A 196 -16.52 -2.28 -0.16
N ASP A 197 -16.15 -1.91 -1.37
CA ASP A 197 -15.19 -0.84 -1.60
C ASP A 197 -15.89 0.35 -2.25
N THR A 198 -15.17 1.48 -2.29
CA THR A 198 -15.67 2.71 -2.93
C THR A 198 -14.51 3.34 -3.67
N THR A 199 -14.82 4.32 -4.56
CA THR A 199 -13.80 5.02 -5.32
C THR A 199 -13.33 6.26 -4.56
N ILE A 200 -12.02 6.51 -4.62
CA ILE A 200 -11.40 7.57 -3.85
C ILE A 200 -11.53 8.87 -4.64
N THR A 201 -12.57 9.64 -4.34
CA THR A 201 -12.97 10.81 -5.15
C THR A 201 -11.85 11.84 -5.25
N VAL A 202 -11.25 12.21 -4.13
CA VAL A 202 -10.23 13.25 -4.15
C VAL A 202 -9.11 12.85 -5.09
N ASN A 203 -8.76 11.54 -5.13
CA ASN A 203 -7.69 11.09 -6.02
C ASN A 203 -8.11 11.20 -7.48
N VAL A 204 -9.36 10.84 -7.79
CA VAL A 204 -9.81 10.97 -9.18
C VAL A 204 -9.69 12.43 -9.60
N LEU A 205 -10.10 13.35 -8.72
CA LEU A 205 -9.99 14.78 -9.07
C LEU A 205 -8.52 15.17 -9.25
N ALA A 206 -7.64 14.64 -8.39
CA ALA A 206 -6.20 14.93 -8.55
C ALA A 206 -5.70 14.50 -9.92
N TRP A 207 -6.13 13.31 -10.36
CA TRP A 207 -5.73 12.75 -11.63
C TRP A 207 -6.32 13.53 -12.80
N LEU A 208 -7.56 14.01 -12.67
CA LEU A 208 -8.06 14.92 -13.70
C LEU A 208 -7.21 16.19 -13.80
N TYR A 209 -6.71 16.70 -12.66
CA TYR A 209 -5.79 17.83 -12.74
C TYR A 209 -4.48 17.44 -13.43
N ALA A 210 -3.92 16.26 -13.07
CA ALA A 210 -2.77 15.77 -13.82
C ALA A 210 -3.03 15.78 -15.32
N ALA A 211 -4.22 15.31 -15.73
CA ALA A 211 -4.50 15.23 -17.16
C ALA A 211 -4.51 16.62 -17.77
N VAL A 212 -5.10 17.59 -17.07
CA VAL A 212 -5.12 18.94 -17.62
C VAL A 212 -3.69 19.48 -17.73
N ILE A 213 -2.87 19.22 -16.70
CA ILE A 213 -1.49 19.70 -16.73
C ILE A 213 -0.77 19.09 -17.92
N ASN A 214 -1.19 17.89 -18.33
CA ASN A 214 -0.55 17.16 -19.42
C ASN A 214 -1.29 17.30 -20.75
N GLY A 215 -2.27 18.19 -20.83
CA GLY A 215 -2.86 18.54 -22.10
C GLY A 215 -4.16 17.85 -22.49
N ASP A 216 -4.73 17.02 -21.64
CA ASP A 216 -6.05 16.42 -21.87
C ASP A 216 -7.08 17.38 -21.28
N ARG A 217 -7.90 17.98 -22.14
CA ARG A 217 -8.85 18.99 -21.69
C ARG A 217 -10.27 18.71 -22.14
N TRP A 218 -10.50 17.64 -22.89
CA TRP A 218 -11.78 17.46 -23.56
C TRP A 218 -12.94 17.34 -22.59
N PHE A 219 -12.66 16.88 -21.36
CA PHE A 219 -13.70 16.64 -20.36
C PHE A 219 -14.02 17.90 -19.55
N LEU A 220 -13.32 19.01 -19.79
CA LEU A 220 -13.65 20.25 -19.11
C LEU A 220 -14.95 20.86 -19.64
N ASN A 221 -15.59 21.66 -18.79
CA ASN A 221 -16.81 22.35 -19.20
C ASN A 221 -16.88 23.69 -18.47
N ARG A 222 -17.79 24.55 -18.94
CA ARG A 222 -17.94 25.87 -18.33
C ARG A 222 -18.74 25.85 -17.04
N PHE A 223 -19.37 24.73 -16.74
CA PHE A 223 -20.18 24.57 -15.55
C PHE A 223 -19.46 24.42 -14.25
N THR A 224 -20.23 24.60 -13.19
CA THR A 224 -19.74 24.40 -11.85
C THR A 224 -20.82 23.72 -11.04
N THR A 225 -20.48 23.34 -9.83
CA THR A 225 -21.47 22.71 -9.01
C THR A 225 -21.22 23.05 -7.58
N THR A 226 -22.21 22.79 -6.75
CA THR A 226 -21.97 22.92 -5.32
C THR A 226 -21.41 21.62 -4.80
N LEU A 227 -20.73 21.72 -3.66
CA LEU A 227 -20.23 20.55 -2.98
C LEU A 227 -21.37 19.57 -2.64
N ASN A 228 -22.49 20.09 -2.15
CA ASN A 228 -23.63 19.22 -1.81
C ASN A 228 -24.17 18.49 -3.03
N ASP A 229 -24.40 19.19 -4.14
CA ASP A 229 -24.93 18.52 -5.32
CA ASP A 229 -24.94 18.51 -5.31
C ASP A 229 -23.94 17.51 -5.87
N PHE A 230 -22.65 17.88 -5.87
CA PHE A 230 -21.65 16.91 -6.31
C PHE A 230 -21.70 15.66 -5.46
N ASN A 231 -21.80 15.83 -4.14
CA ASN A 231 -21.77 14.67 -3.24
C ASN A 231 -23.02 13.81 -3.36
N LEU A 232 -24.15 14.40 -3.75
CA LEU A 232 -25.30 13.57 -4.13
C LEU A 232 -24.95 12.66 -5.30
N VAL A 233 -24.28 13.23 -6.32
CA VAL A 233 -23.88 12.38 -7.45
C VAL A 233 -22.85 11.32 -7.01
N ALA A 234 -21.87 11.72 -6.20
CA ALA A 234 -20.85 10.79 -5.74
C ALA A 234 -21.47 9.60 -5.06
N MET A 235 -22.38 9.87 -4.13
CA MET A 235 -23.06 8.79 -3.41
C MET A 235 -23.76 7.87 -4.40
N LYS A 236 -24.40 8.44 -5.42
CA LYS A 236 -25.07 7.57 -6.39
C LYS A 236 -24.10 6.63 -7.08
N TYR A 237 -22.85 7.06 -7.32
CA TYR A 237 -21.91 6.24 -8.10
C TYR A 237 -20.89 5.51 -7.22
N ASN A 238 -21.17 5.35 -5.93
CA ASN A 238 -20.24 4.65 -5.04
C ASN A 238 -18.86 5.33 -4.98
N TYR A 239 -18.86 6.65 -4.98
CA TYR A 239 -17.66 7.45 -4.77
C TYR A 239 -17.73 7.96 -3.33
N GLU A 240 -16.59 8.13 -2.73
CA GLU A 240 -16.50 8.65 -1.38
CA GLU A 240 -16.67 8.60 -1.37
C GLU A 240 -16.95 10.10 -1.35
N PRO A 241 -17.48 10.58 -0.22
CA PRO A 241 -17.85 11.99 -0.15
C PRO A 241 -16.62 12.89 -0.23
N LEU A 242 -16.80 14.03 -0.89
CA LEU A 242 -15.74 15.03 -0.97
C LEU A 242 -15.95 16.03 0.15
N THR A 243 -14.92 16.24 0.95
CA THR A 243 -14.97 17.18 2.06
C THR A 243 -14.34 18.51 1.64
N GLN A 244 -14.59 19.52 2.48
CA GLN A 244 -13.88 20.80 2.31
C GLN A 244 -12.38 20.62 2.50
N ASP A 245 -11.94 19.72 3.39
CA ASP A 245 -10.50 19.47 3.46
C ASP A 245 -9.96 18.92 2.15
N HIS A 246 -10.69 18.03 1.49
CA HIS A 246 -10.28 17.56 0.16
C HIS A 246 -10.14 18.74 -0.81
N VAL A 247 -11.14 19.62 -0.80
CA VAL A 247 -11.10 20.79 -1.68
C VAL A 247 -9.86 21.62 -1.39
N ASP A 248 -9.56 21.83 -0.10
CA ASP A 248 -8.39 22.59 0.30
C ASP A 248 -7.12 21.92 -0.19
N ILE A 249 -7.03 20.58 -0.06
CA ILE A 249 -5.85 19.84 -0.47
C ILE A 249 -5.63 19.99 -1.97
N LEU A 250 -6.71 20.13 -2.74
CA LEU A 250 -6.63 20.29 -4.20
C LEU A 250 -6.31 21.72 -4.58
N GLY A 251 -6.26 22.61 -3.61
CA GLY A 251 -5.96 24.01 -3.82
C GLY A 251 -4.82 24.29 -4.78
N PRO A 252 -3.61 23.78 -4.49
CA PRO A 252 -2.47 24.07 -5.38
C PRO A 252 -2.70 23.62 -6.82
N LEU A 253 -3.27 22.44 -7.04
CA LEU A 253 -3.49 21.98 -8.41
C LEU A 253 -4.54 22.84 -9.11
N SER A 254 -5.59 23.21 -8.39
CA SER A 254 -6.57 24.18 -8.89
C SER A 254 -5.90 25.49 -9.31
N ALA A 255 -4.99 25.99 -8.48
CA ALA A 255 -4.33 27.27 -8.79
C ALA A 255 -3.41 27.12 -10.00
N GLN A 256 -2.71 25.98 -10.10
CA GLN A 256 -1.76 25.79 -11.20
C GLN A 256 -2.49 25.73 -12.54
N THR A 257 -3.65 25.09 -12.56
CA THR A 257 -4.42 24.93 -13.78
C THR A 257 -5.44 26.04 -14.00
N GLY A 258 -5.78 26.81 -12.97
CA GLY A 258 -6.83 27.80 -13.09
C GLY A 258 -8.22 27.22 -13.20
N ILE A 259 -8.41 25.97 -12.79
CA ILE A 259 -9.72 25.32 -12.86
C ILE A 259 -10.18 25.14 -11.42
N ALA A 260 -11.23 25.86 -11.01
CA ALA A 260 -11.71 25.75 -9.63
C ALA A 260 -12.06 24.31 -9.30
N VAL A 261 -11.89 23.93 -8.02
CA VAL A 261 -12.16 22.54 -7.64
C VAL A 261 -13.61 22.17 -7.96
N LEU A 262 -14.57 23.04 -7.62
CA LEU A 262 -15.96 22.71 -7.91
C LEU A 262 -16.28 22.71 -9.42
N ASP A 263 -15.49 23.40 -10.24
CA ASP A 263 -15.58 23.23 -11.70
C ASP A 263 -15.10 21.84 -12.12
N MET A 264 -13.96 21.40 -11.56
CA MET A 264 -13.52 20.06 -11.91
C MET A 264 -14.54 19.04 -11.41
N CYS A 265 -15.23 19.34 -10.29
CA CYS A 265 -16.26 18.42 -9.82
C CYS A 265 -17.41 18.34 -10.82
N ALA A 266 -17.79 19.48 -11.43
CA ALA A 266 -18.78 19.45 -12.50
C ALA A 266 -18.33 18.56 -13.64
N SER A 267 -17.04 18.61 -14.00
CA SER A 267 -16.54 17.71 -15.03
C SER A 267 -16.65 16.25 -14.62
N LEU A 268 -16.28 15.94 -13.37
CA LEU A 268 -16.37 14.57 -12.89
C LEU A 268 -17.83 14.10 -12.89
N LYS A 269 -18.76 14.96 -12.48
CA LYS A 269 -20.17 14.61 -12.54
C LYS A 269 -20.57 14.22 -13.95
N GLU A 270 -20.20 15.05 -14.94
CA GLU A 270 -20.49 14.70 -16.32
C GLU A 270 -19.89 13.36 -16.73
N LEU A 271 -18.64 13.10 -16.31
CA LEU A 271 -18.00 11.84 -16.73
C LEU A 271 -18.69 10.64 -16.11
N LEU A 272 -19.17 10.78 -14.87
CA LEU A 272 -19.88 9.69 -14.21
C LEU A 272 -21.22 9.45 -14.87
N GLN A 273 -21.89 10.53 -15.31
CA GLN A 273 -23.22 10.41 -15.88
C GLN A 273 -23.21 9.99 -17.34
N ASN A 274 -22.15 10.33 -18.08
CA ASN A 274 -22.13 10.13 -19.52
C ASN A 274 -21.08 9.12 -19.97
N GLY A 275 -20.16 8.72 -19.10
CA GLY A 275 -19.08 7.92 -19.60
C GLY A 275 -18.13 8.79 -20.42
N MET A 276 -17.27 8.13 -21.19
CA MET A 276 -16.19 8.83 -21.85
C MET A 276 -16.40 8.96 -23.35
N ASN A 277 -17.44 8.32 -23.91
CA ASN A 277 -17.77 8.40 -25.35
C ASN A 277 -16.58 7.99 -26.22
N GLY A 278 -15.88 6.93 -25.79
CA GLY A 278 -14.79 6.40 -26.58
C GLY A 278 -13.48 7.14 -26.47
N ARG A 279 -13.37 8.10 -25.55
CA ARG A 279 -12.12 8.84 -25.38
C ARG A 279 -11.35 8.29 -24.18
N THR A 280 -10.12 8.79 -24.03
CA THR A 280 -9.25 8.39 -22.94
C THR A 280 -8.71 9.62 -22.23
N ILE A 281 -8.30 9.41 -20.99
CA ILE A 281 -7.65 10.42 -20.17
C ILE A 281 -6.33 9.82 -19.69
N LEU A 282 -5.22 10.50 -19.99
CA LEU A 282 -3.91 10.00 -19.57
C LEU A 282 -3.78 8.52 -19.86
N GLY A 283 -4.26 8.12 -21.05
CA GLY A 283 -4.09 6.75 -21.51
C GLY A 283 -5.00 5.75 -20.83
N SER A 284 -6.03 6.20 -20.13
CA SER A 284 -6.94 5.26 -19.47
C SER A 284 -8.35 5.49 -19.98
N ALA A 285 -9.14 4.43 -20.07
CA ALA A 285 -10.55 4.56 -20.42
C ALA A 285 -11.45 4.45 -19.18
N LEU A 286 -10.86 4.52 -18.01
CA LEU A 286 -11.64 4.57 -16.78
CA LEU A 286 -11.56 4.49 -16.72
C LEU A 286 -11.08 5.67 -15.87
N LEU A 287 -11.90 6.07 -14.89
CA LEU A 287 -11.45 7.11 -13.98
C LEU A 287 -10.51 6.51 -12.94
N GLU A 288 -9.27 6.98 -12.91
CA GLU A 288 -8.23 6.43 -12.04
C GLU A 288 -8.22 7.06 -10.66
N ASP A 289 -8.15 6.21 -9.60
CA ASP A 289 -8.25 6.76 -8.26
C ASP A 289 -7.07 6.37 -7.36
N GLU A 290 -5.93 5.92 -7.93
CA GLU A 290 -4.79 5.58 -7.10
C GLU A 290 -3.63 6.56 -7.25
N PHE A 291 -3.92 7.82 -7.59
CA PHE A 291 -2.95 8.89 -7.45
C PHE A 291 -3.48 9.91 -6.46
N THR A 292 -2.70 10.19 -5.41
CA THR A 292 -3.07 11.24 -4.48
C THR A 292 -2.72 12.62 -5.06
N PRO A 293 -3.26 13.68 -4.48
CA PRO A 293 -2.85 15.03 -4.88
C PRO A 293 -1.33 15.21 -4.79
N PHE A 294 -0.73 14.61 -3.75
CA PHE A 294 0.72 14.67 -3.61
C PHE A 294 1.44 13.96 -4.75
N ASP A 295 0.97 12.77 -5.13
CA ASP A 295 1.55 12.03 -6.24
C ASP A 295 1.53 12.87 -7.50
N VAL A 296 0.42 13.59 -7.72
CA VAL A 296 0.29 14.40 -8.94
C VAL A 296 1.29 15.55 -8.89
N VAL A 297 1.31 16.26 -7.78
CA VAL A 297 2.24 17.39 -7.67
C VAL A 297 3.68 16.93 -7.85
N ARG A 298 4.02 15.77 -7.29
CA ARG A 298 5.40 15.28 -7.38
C ARG A 298 5.79 14.97 -8.81
N GLN A 299 4.89 14.42 -9.57
CA GLN A 299 5.22 14.03 -10.91
C GLN A 299 4.98 15.06 -11.98
N CYS A 300 4.00 15.92 -11.81
CA CYS A 300 3.57 16.93 -12.79
C CYS A 300 3.97 18.36 -12.52
N SER A 301 4.87 18.62 -11.59
CA SER A 301 5.13 20.02 -11.28
C SER A 301 5.77 20.92 -12.32
N GLY A 302 6.57 20.33 -13.19
CA GLY A 302 7.22 21.03 -14.29
C GLY A 302 6.25 21.65 -15.28
C10 AIE B . 1.81 -17.11 1.58
C11 AIE B . 2.97 -17.79 1.93
C15 AIE B . -1.82 -16.55 6.43
C16 AIE B . -1.36 -15.44 7.15
C17 AIE B . -0.09 -14.89 6.92
C13 AIE B . 1.68 -19.25 3.35
C12 AIE B . 2.90 -18.86 2.82
C01 AIE B . 2.84 -15.13 4.35
C02 AIE B . 2.07 -14.92 5.67
C03 AIE B . 0.72 -15.50 5.97
C04 AIE B . 0.26 -16.58 5.24
C05 AIE B . -1.00 -17.13 5.46
C06 AIE B . -1.49 -18.35 4.68
C08 AIE B . 0.51 -18.58 3.00
C09 AIE B . 0.58 -17.50 2.11
N07 AIE B . -0.77 -19.00 3.57
O14 AIE B . -2.52 -18.82 5.02
O18 AIE B . 2.46 -14.19 6.50
S H2S C . 2.38 -14.11 2.93
#